data_2C4R
#
_entry.id   2C4R
#
_cell.length_a   196.586
_cell.length_b   196.586
_cell.length_c   140.766
_cell.angle_alpha   90.00
_cell.angle_beta   90.00
_cell.angle_gamma   120.00
#
_symmetry.space_group_name_H-M   'P 62 2 2'
#
loop_
_entity.id
_entity.type
_entity.pdbx_description
1 polymer 'RIBONUCLEASE E'
2 polymer "SSRNA MOLECULE: 5'-R(*AP*CP*AP*GP*UP*AP*UP*UP*UP*GP)-3'"
3 non-polymer 'MAGNESIUM ION'
4 non-polymer 'ZINC ION'
5 water water
#
loop_
_entity_poly.entity_id
_entity_poly.type
_entity_poly.pdbx_seq_one_letter_code
_entity_poly.pdbx_strand_id
1 'polypeptide(L)'
;AHIEGRHMKRMLINATQQEELRVALVDGQRLYDLDIESPGHEQKKANIYKGKITRIEPSLEAAFVDYGAERHGFLPLKEI
AREYFPANYSAHGRPNIKDVLREGQEVIVQIDKEERGNKGAALTTFISLAGSYLVLMPNNPRAGGISRRIEGDDRTELKE
ALASLELPEGMGLIVRTAGVGKSAEALQWDLSFRLKHWEAIKKAAESRPAPFLIHQESNVIVRAFRDYLRQDIGEILIDN
PKVLELARQHIAALGRPDFSSKIKLYTGEIPLFSHYQIESQIESAFQREVRLPSGGSIVIDSTEALTAIDINSARATRGG
DIEETAFNTNLEAADEIARQLRLRDLGGLIVIDFIDMTPVRHQRAVENRLREAVRQDRARIQISHISRFGLLEMSRQRLS
PSLGESSHHVCPRCSGTGTVRDNESLSLSILRLIEEEALKENTQEVHAIVPVPIASYLLNEKRSAVNAIETRQDGVRCVI
VPNDQMETPHYHVLRVRKGEETPTLSYMLPKLHEEAM
;
L
2 'polyribonucleotide' ACAGUAUUUG R
#
# COMPACT_ATOMS: atom_id res chain seq x y z
N ALA A 1 -9.36 -27.68 -3.93
CA ALA A 1 -10.64 -28.44 -3.88
C ALA A 1 -11.78 -27.63 -3.21
N HIS A 2 -11.60 -26.32 -3.11
CA HIS A 2 -12.13 -25.56 -1.98
C HIS A 2 -13.53 -25.00 -2.27
N ILE A 3 -14.47 -25.29 -1.36
CA ILE A 3 -15.84 -24.79 -1.46
C ILE A 3 -16.19 -23.97 -0.25
N GLU A 4 -16.61 -22.73 -0.45
CA GLU A 4 -16.73 -21.86 0.70
C GLU A 4 -17.79 -22.49 1.54
N GLY A 5 -17.53 -22.64 2.83
CA GLY A 5 -18.53 -23.19 3.73
C GLY A 5 -18.12 -24.54 4.26
N ARG A 6 -17.38 -25.31 3.49
CA ARG A 6 -16.91 -26.58 3.99
C ARG A 6 -16.31 -26.43 5.39
N HIS A 7 -15.09 -25.90 5.54
CA HIS A 7 -14.56 -25.82 6.90
C HIS A 7 -14.80 -24.51 7.59
N MET A 8 -14.42 -24.42 8.85
CA MET A 8 -14.79 -23.31 9.66
C MET A 8 -13.90 -22.13 9.29
N LYS A 9 -14.44 -20.93 9.25
CA LYS A 9 -13.60 -19.77 8.95
C LYS A 9 -13.23 -19.22 10.29
N ARG A 10 -11.97 -19.05 10.61
CA ARG A 10 -11.67 -18.51 11.94
C ARG A 10 -10.69 -17.37 11.90
N MET A 11 -10.69 -16.56 12.94
CA MET A 11 -9.79 -15.43 12.96
C MET A 11 -8.63 -15.72 13.89
N LEU A 12 -7.45 -16.00 13.34
CA LEU A 12 -6.29 -16.28 14.17
C LEU A 12 -5.55 -14.99 14.55
N ILE A 13 -5.54 -14.65 15.84
CA ILE A 13 -4.71 -13.55 16.34
C ILE A 13 -3.40 -14.06 16.94
N ASN A 14 -2.31 -13.34 16.68
CA ASN A 14 -0.99 -13.80 17.09
C ASN A 14 -0.16 -12.84 17.94
N ALA A 15 -0.44 -12.77 19.24
CA ALA A 15 0.13 -11.69 20.03
C ALA A 15 1.40 -12.10 20.76
N THR A 16 2.05 -13.17 20.32
CA THR A 16 3.24 -13.63 21.02
C THR A 16 4.38 -12.63 20.88
N GLN A 17 4.65 -12.18 19.65
CA GLN A 17 5.81 -11.31 19.32
C GLN A 17 5.56 -9.80 19.51
N GLN A 18 6.34 -9.13 20.36
CA GLN A 18 6.09 -7.70 20.61
C GLN A 18 6.10 -6.92 19.31
N GLU A 19 7.15 -7.06 18.52
CA GLU A 19 7.39 -6.10 17.47
C GLU A 19 6.59 -6.43 16.23
N GLU A 20 5.35 -6.86 16.38
CA GLU A 20 4.60 -7.42 15.25
C GLU A 20 3.38 -8.23 15.70
N LEU A 21 2.20 -7.64 15.57
CA LEU A 21 0.98 -8.26 16.04
C LEU A 21 0.06 -8.61 14.85
N ARG A 22 0.04 -9.89 14.45
CA ARG A 22 -0.53 -10.30 13.20
C ARG A 22 -1.95 -10.79 13.43
N VAL A 23 -2.79 -10.77 12.38
CA VAL A 23 -4.15 -11.24 12.50
C VAL A 23 -4.67 -11.83 11.21
N ALA A 24 -4.45 -13.11 10.93
CA ALA A 24 -5.03 -13.73 9.71
C ALA A 24 -6.50 -14.10 9.87
N LEU A 25 -7.19 -14.17 8.74
CA LEU A 25 -8.60 -14.55 8.67
C LEU A 25 -8.61 -15.81 7.82
N VAL A 26 -8.64 -16.97 8.47
CA VAL A 26 -8.60 -18.24 7.75
C VAL A 26 -9.88 -19.06 7.68
N ASP A 27 -10.12 -19.67 6.52
CA ASP A 27 -11.27 -20.51 6.28
C ASP A 27 -10.70 -21.92 6.14
N GLY A 28 -10.69 -22.67 7.23
CA GLY A 28 -10.12 -24.00 7.23
C GLY A 28 -8.64 -23.81 7.44
N GLN A 29 -7.85 -23.95 6.38
CA GLN A 29 -6.41 -23.73 6.48
C GLN A 29 -5.91 -22.82 5.32
N ARG A 30 -6.85 -22.29 4.53
CA ARG A 30 -6.53 -21.39 3.43
C ARG A 30 -6.53 -20.02 4.04
N LEU A 31 -5.34 -19.44 4.15
CA LEU A 31 -5.22 -18.05 4.56
C LEU A 31 -5.97 -17.32 3.52
N TYR A 32 -6.74 -16.31 3.89
CA TYR A 32 -7.60 -15.67 2.90
C TYR A 32 -7.64 -14.20 3.10
N ASP A 33 -6.71 -13.75 3.94
CA ASP A 33 -6.49 -12.35 4.24
C ASP A 33 -5.83 -12.17 5.60
N LEU A 34 -4.97 -11.17 5.73
CA LEU A 34 -4.10 -11.12 6.88
C LEU A 34 -3.78 -9.70 7.16
N ASP A 35 -3.36 -9.41 8.39
CA ASP A 35 -3.02 -8.05 8.79
C ASP A 35 -1.81 -8.06 9.72
N ILE A 36 -0.92 -7.09 9.53
CA ILE A 36 0.29 -7.01 10.36
C ILE A 36 0.54 -5.61 10.90
N GLU A 37 0.00 -5.33 12.08
CA GLU A 37 0.19 -4.04 12.74
C GLU A 37 1.41 -4.17 13.64
N SER A 38 2.28 -3.18 13.63
CA SER A 38 3.47 -3.25 14.45
C SER A 38 3.72 -1.87 14.98
N PRO A 39 4.10 -1.75 16.26
CA PRO A 39 4.14 -0.46 16.96
C PRO A 39 4.82 0.60 16.09
N GLY A 40 5.03 1.80 16.62
CA GLY A 40 5.79 2.82 15.89
C GLY A 40 5.20 3.10 14.51
N HIS A 41 5.69 2.41 13.48
CA HIS A 41 5.01 2.44 12.20
C HIS A 41 3.52 1.94 12.28
N GLU A 42 2.74 2.62 13.13
CA GLU A 42 1.31 2.34 13.39
C GLU A 42 0.38 2.75 12.22
N GLN A 43 -0.93 2.77 12.45
CA GLN A 43 -1.90 3.16 11.44
C GLN A 43 -2.24 4.63 11.62
N LYS A 44 -2.23 5.38 10.53
CA LYS A 44 -2.54 6.81 10.59
C LYS A 44 -3.85 7.16 9.89
N LYS A 45 -4.23 6.37 8.89
CA LYS A 45 -5.45 6.61 8.14
C LYS A 45 -6.70 6.56 9.02
N ALA A 46 -7.58 7.53 8.84
CA ALA A 46 -8.81 7.60 9.61
C ALA A 46 -8.70 8.44 10.88
N ASN A 47 -7.67 9.28 10.95
CA ASN A 47 -7.46 10.12 12.11
C ASN A 47 -8.16 11.45 11.86
N ILE A 48 -8.13 12.36 12.83
CA ILE A 48 -8.80 13.63 12.68
C ILE A 48 -8.10 14.72 13.42
N TYR A 49 -7.66 15.74 12.72
CA TYR A 49 -6.91 16.80 13.35
C TYR A 49 -7.71 18.09 13.30
N LYS A 50 -7.10 19.20 13.73
CA LYS A 50 -7.56 20.49 13.29
C LYS A 50 -6.53 21.15 12.35
N GLY A 51 -7.01 22.03 11.50
CA GLY A 51 -6.30 22.34 10.27
C GLY A 51 -6.35 23.79 9.84
N LYS A 52 -5.17 24.35 9.60
CA LYS A 52 -5.04 25.53 8.75
C LYS A 52 -4.14 25.28 7.54
N ILE A 53 -4.20 26.19 6.58
CA ILE A 53 -3.91 25.89 5.20
C ILE A 53 -2.60 26.56 4.81
N THR A 54 -1.55 25.76 4.68
CA THR A 54 -0.26 26.26 4.24
C THR A 54 -0.36 27.17 3.01
N ARG A 55 -0.93 26.64 1.94
CA ARG A 55 -0.86 27.28 0.62
C ARG A 55 -1.93 26.71 -0.32
N ILE A 56 -2.94 27.53 -0.63
CA ILE A 56 -3.72 27.36 -1.85
C ILE A 56 -2.85 27.48 -3.12
N GLU A 57 -2.49 26.36 -3.73
CA GLU A 57 -2.25 26.34 -5.17
C GLU A 57 -3.55 26.02 -5.90
N PRO A 58 -3.77 26.66 -7.04
CA PRO A 58 -4.96 26.43 -7.85
C PRO A 58 -4.63 25.59 -9.07
N SER A 59 -3.34 25.52 -9.40
CA SER A 59 -2.88 24.74 -10.54
C SER A 59 -3.07 23.25 -10.29
N LEU A 60 -3.96 22.93 -9.35
CA LEU A 60 -4.25 21.55 -9.00
C LEU A 60 -5.73 21.43 -8.64
N GLU A 61 -6.29 22.52 -8.14
CA GLU A 61 -7.70 22.55 -7.76
C GLU A 61 -7.91 22.24 -6.29
N ALA A 62 -6.96 22.62 -5.44
CA ALA A 62 -7.09 22.36 -4.01
C ALA A 62 -5.95 22.96 -3.21
N ALA A 63 -6.18 23.12 -1.90
CA ALA A 63 -5.17 23.67 -0.99
C ALA A 63 -4.00 22.72 -0.65
N PHE A 64 -3.34 23.00 0.46
CA PHE A 64 -2.72 21.96 1.27
C PHE A 64 -3.21 22.10 2.69
N VAL A 65 -2.78 21.24 3.61
CA VAL A 65 -3.00 21.53 5.02
C VAL A 65 -1.81 21.31 5.94
N ASP A 66 -1.68 22.20 6.92
CA ASP A 66 -1.06 21.88 8.20
C ASP A 66 -2.05 21.26 9.19
N TYR A 67 -1.98 19.92 9.25
CA TYR A 67 -2.34 19.14 10.44
C TYR A 67 -1.08 18.73 11.21
N GLY A 68 0.04 19.31 10.79
CA GLY A 68 1.24 19.27 11.60
C GLY A 68 1.71 17.84 11.68
N ALA A 69 2.17 17.32 10.56
CA ALA A 69 3.39 16.54 10.55
C ALA A 69 4.25 17.07 9.43
N GLU A 70 5.47 16.54 9.36
CA GLU A 70 6.28 16.66 8.16
C GLU A 70 5.48 17.38 7.06
N ARG A 71 5.03 16.61 6.07
CA ARG A 71 4.41 17.18 4.88
C ARG A 71 2.95 17.55 5.14
N HIS A 72 2.66 18.85 5.16
CA HIS A 72 1.27 19.28 5.15
C HIS A 72 0.53 18.44 4.13
N GLY A 73 -0.78 18.37 4.26
CA GLY A 73 -1.56 17.33 3.59
C GLY A 73 -2.44 17.86 2.47
N PHE A 74 -2.47 17.12 1.38
CA PHE A 74 -3.38 17.34 0.26
C PHE A 74 -4.86 17.59 0.65
N LEU A 75 -5.49 18.57 0.00
CA LEU A 75 -6.92 18.86 0.24
C LEU A 75 -7.62 19.48 -0.97
N PRO A 76 -8.00 18.64 -1.95
CA PRO A 76 -8.96 18.83 -3.04
C PRO A 76 -10.18 19.69 -2.74
N LEU A 77 -10.38 20.73 -3.55
CA LEU A 77 -11.60 21.54 -3.49
C LEU A 77 -12.86 20.68 -3.42
N LYS A 78 -12.72 19.44 -3.88
CA LYS A 78 -13.83 18.47 -3.90
C LYS A 78 -14.20 18.09 -2.47
N GLU A 79 -13.17 17.68 -1.72
CA GLU A 79 -13.26 17.47 -0.27
C GLU A 79 -14.03 18.54 0.52
N ILE A 80 -13.91 19.82 0.13
CA ILE A 80 -14.28 20.96 0.97
C ILE A 80 -15.79 21.02 1.23
N ALA A 81 -16.22 21.75 2.24
CA ALA A 81 -17.57 21.55 2.76
C ALA A 81 -18.54 22.73 2.58
N ARG A 82 -19.79 22.54 3.00
CA ARG A 82 -20.64 23.69 3.28
C ARG A 82 -19.88 24.60 4.25
N GLU A 83 -19.52 24.03 5.40
CA GLU A 83 -19.31 24.78 6.63
C GLU A 83 -17.99 25.54 6.62
N TYR A 84 -16.95 24.88 6.12
CA TYR A 84 -15.72 25.59 5.75
C TYR A 84 -16.07 26.69 4.74
N PHE A 85 -17.17 26.50 4.03
CA PHE A 85 -17.51 27.38 2.92
C PHE A 85 -18.07 28.72 3.43
N PRO A 86 -17.27 29.79 3.33
CA PRO A 86 -17.62 31.17 3.71
C PRO A 86 -19.10 31.48 3.53
N ASN A 96 -14.44 27.44 -7.95
CA ASN A 96 -12.98 27.60 -8.09
C ASN A 96 -12.23 27.99 -6.80
N ILE A 97 -10.94 27.65 -6.75
CA ILE A 97 -10.18 27.57 -5.50
C ILE A 97 -10.24 28.86 -4.66
N LYS A 98 -9.55 29.90 -5.09
CA LYS A 98 -9.09 30.95 -4.18
C LYS A 98 -10.24 31.70 -3.51
N ASP A 99 -11.35 31.86 -4.24
CA ASP A 99 -12.55 32.44 -3.65
C ASP A 99 -13.07 31.52 -2.54
N VAL A 100 -12.91 30.22 -2.75
CA VAL A 100 -13.33 29.20 -1.78
C VAL A 100 -12.55 29.30 -0.46
N LEU A 101 -11.31 28.81 -0.46
CA LEU A 101 -10.52 28.75 0.76
C LEU A 101 -9.72 30.03 1.02
N ARG A 102 -10.23 30.88 1.90
CA ARG A 102 -9.42 31.90 2.58
C ARG A 102 -8.30 31.26 3.42
N GLU A 103 -7.05 31.59 3.08
CA GLU A 103 -5.89 30.85 3.58
C GLU A 103 -5.52 31.23 5.01
N GLY A 104 -4.67 30.41 5.63
CA GLY A 104 -4.66 30.28 7.09
C GLY A 104 -6.07 30.33 7.67
N GLN A 105 -6.88 29.35 7.28
CA GLN A 105 -8.18 29.11 7.92
C GLN A 105 -8.15 27.79 8.71
N GLU A 106 -8.79 27.82 9.87
CA GLU A 106 -8.69 26.71 10.81
C GLU A 106 -9.84 25.71 10.61
N VAL A 107 -9.47 24.46 10.25
CA VAL A 107 -10.46 23.49 9.79
C VAL A 107 -10.31 22.06 10.33
N ILE A 108 -11.39 21.28 10.21
CA ILE A 108 -11.57 20.03 10.93
C ILE A 108 -11.34 18.82 10.00
N VAL A 109 -10.10 18.67 9.56
CA VAL A 109 -9.78 17.79 8.44
C VAL A 109 -9.47 16.37 8.92
N GLN A 110 -9.88 15.38 8.14
CA GLN A 110 -9.50 13.98 8.40
C GLN A 110 -8.76 13.34 7.22
N ILE A 111 -8.21 12.15 7.45
CA ILE A 111 -7.26 11.58 6.51
C ILE A 111 -7.84 10.44 5.68
N ASP A 112 -8.03 10.66 4.37
CA ASP A 112 -8.61 9.62 3.51
C ASP A 112 -7.50 8.66 3.23
N LYS A 113 -6.44 9.14 2.61
CA LYS A 113 -5.39 8.25 2.15
C LYS A 113 -4.05 8.77 2.69
N GLU A 114 -3.09 7.87 2.92
CA GLU A 114 -1.95 8.14 3.82
C GLU A 114 -0.71 8.57 3.08
N GLU A 115 0.23 9.16 3.81
CA GLU A 115 1.52 9.53 3.21
C GLU A 115 1.95 8.43 2.26
N ARG A 116 2.23 8.83 1.02
CA ARG A 116 2.88 7.94 0.06
C ARG A 116 4.10 8.64 -0.52
N GLY A 117 5.13 7.86 -0.84
CA GLY A 117 6.54 8.32 -0.74
C GLY A 117 6.83 9.82 -0.86
N ASN A 118 6.11 10.48 -1.77
CA ASN A 118 6.17 11.94 -1.86
C ASN A 118 4.99 12.53 -1.11
N LYS A 119 3.79 12.29 -1.64
CA LYS A 119 2.59 13.09 -1.30
C LYS A 119 2.34 13.26 0.19
N GLY A 120 1.41 14.16 0.52
CA GLY A 120 1.03 14.43 1.89
C GLY A 120 0.17 13.32 2.43
N ALA A 121 -1.11 13.61 2.58
CA ALA A 121 -2.11 12.59 2.32
C ALA A 121 -3.31 13.35 1.94
N ALA A 122 -4.24 12.73 1.21
CA ALA A 122 -5.54 13.38 1.11
C ALA A 122 -5.98 13.57 2.54
N LEU A 123 -6.36 14.80 2.87
CA LEU A 123 -7.27 15.00 3.98
C LEU A 123 -8.65 15.08 3.38
N THR A 124 -9.67 15.20 4.22
CA THR A 124 -11.00 15.55 3.76
C THR A 124 -11.80 16.10 4.91
N THR A 125 -12.32 17.32 4.73
CA THR A 125 -13.14 17.99 5.72
C THR A 125 -14.47 17.28 5.83
N PHE A 126 -14.57 16.21 5.05
CA PHE A 126 -15.74 15.34 5.00
C PHE A 126 -15.54 14.20 5.96
N ILE A 127 -15.72 14.44 7.26
CA ILE A 127 -15.37 13.42 8.24
C ILE A 127 -16.33 12.24 8.15
N SER A 128 -15.78 11.04 8.27
CA SER A 128 -16.58 9.80 8.26
C SER A 128 -16.36 9.04 9.55
N LEU A 129 -17.39 8.36 10.03
CA LEU A 129 -17.31 7.70 11.34
C LEU A 129 -17.96 6.32 11.37
N ALA A 130 -17.23 5.35 11.88
CA ALA A 130 -17.64 3.95 11.76
C ALA A 130 -17.86 3.29 13.10
N GLY A 131 -19.07 2.77 13.27
CA GLY A 131 -19.34 1.87 14.37
C GLY A 131 -19.27 0.46 13.84
N SER A 132 -19.89 -0.46 14.56
CA SER A 132 -19.90 -1.85 14.15
C SER A 132 -20.93 -2.06 13.08
N TYR A 133 -22.11 -1.46 13.23
CA TYR A 133 -23.09 -1.56 12.16
C TYR A 133 -23.36 -0.28 11.39
N LEU A 134 -22.78 0.82 11.83
CA LEU A 134 -23.08 2.08 11.19
C LEU A 134 -21.86 2.87 10.74
N VAL A 135 -22.11 4.03 10.16
CA VAL A 135 -21.04 4.83 9.63
C VAL A 135 -21.59 6.24 9.45
N LEU A 136 -21.07 7.19 10.21
CA LEU A 136 -21.69 8.50 10.25
C LEU A 136 -21.01 9.47 9.31
N MET A 137 -21.81 10.29 8.65
CA MET A 137 -21.35 11.28 7.69
C MET A 137 -21.64 12.69 8.23
N PRO A 138 -21.20 12.97 9.45
CA PRO A 138 -21.91 13.87 10.33
C PRO A 138 -21.75 15.25 9.73
N ASN A 139 -21.82 15.31 8.41
CA ASN A 139 -21.32 16.45 7.68
C ASN A 139 -21.53 16.29 6.19
N ASN A 140 -22.43 15.39 5.81
CA ASN A 140 -23.24 15.61 4.62
C ASN A 140 -24.40 14.61 4.44
N PRO A 141 -25.62 15.12 4.65
CA PRO A 141 -26.84 14.31 4.69
C PRO A 141 -27.23 13.95 3.27
N ARG A 142 -26.53 14.56 2.32
CA ARG A 142 -26.32 13.95 1.02
C ARG A 142 -26.19 12.43 1.20
N ALA A 143 -24.94 11.94 1.26
CA ALA A 143 -24.64 10.54 1.03
C ALA A 143 -24.99 9.58 2.20
N GLY A 144 -25.77 8.54 1.89
CA GLY A 144 -26.21 7.53 2.87
C GLY A 144 -26.03 6.15 2.26
N GLY A 145 -26.86 5.19 2.67
CA GLY A 145 -27.12 3.95 1.89
C GLY A 145 -27.21 2.63 2.65
N ILE A 146 -26.86 1.53 1.99
CA ILE A 146 -26.45 0.31 2.71
C ILE A 146 -25.21 -0.37 2.14
N SER A 147 -24.66 -1.31 2.92
CA SER A 147 -23.83 -2.36 2.37
C SER A 147 -24.42 -2.80 1.04
N ARG A 148 -23.85 -2.28 -0.03
CA ARG A 148 -24.21 -2.78 -1.34
C ARG A 148 -23.93 -4.28 -1.33
N ARG A 149 -23.71 -4.83 -0.13
CA ARG A 149 -23.54 -6.28 0.00
C ARG A 149 -24.85 -7.01 0.23
N ILE A 150 -25.65 -6.53 1.17
CA ILE A 150 -27.01 -7.04 1.34
C ILE A 150 -27.89 -6.92 0.06
N GLU A 157 -36.08 -4.89 5.65
CA GLU A 157 -36.45 -4.94 7.06
C GLU A 157 -35.82 -3.77 7.82
N LEU A 158 -34.69 -3.29 7.29
CA LEU A 158 -33.84 -2.32 7.97
C LEU A 158 -33.80 -1.05 7.12
N LYS A 159 -33.76 -1.23 5.80
CA LYS A 159 -34.36 -0.26 4.92
C LYS A 159 -35.46 0.35 5.76
N GLU A 160 -36.38 -0.51 6.22
CA GLU A 160 -37.38 -0.12 7.21
C GLU A 160 -36.73 0.56 8.42
N ALA A 161 -36.06 -0.23 9.25
CA ALA A 161 -35.53 0.25 10.52
C ALA A 161 -34.74 1.55 10.34
N LEU A 162 -34.12 1.71 9.17
CA LEU A 162 -33.22 2.84 8.92
C LEU A 162 -33.96 4.18 8.90
N ALA A 163 -35.03 4.28 8.12
CA ALA A 163 -35.92 5.42 8.23
C ALA A 163 -36.18 5.76 9.71
N SER A 164 -36.70 4.77 10.44
CA SER A 164 -37.01 4.92 11.88
C SER A 164 -35.81 5.41 12.69
N LEU A 165 -34.66 5.52 12.02
CA LEU A 165 -33.46 6.12 12.60
C LEU A 165 -33.69 7.60 12.93
N GLU A 166 -33.44 7.95 14.20
CA GLU A 166 -33.58 9.33 14.65
C GLU A 166 -32.36 10.17 14.27
N LEU A 167 -32.23 10.44 12.98
CA LEU A 167 -31.08 11.20 12.46
C LEU A 167 -31.35 12.71 12.45
N PRO A 168 -30.50 13.47 13.15
CA PRO A 168 -30.24 14.87 12.82
C PRO A 168 -29.73 15.05 11.38
N GLU A 169 -29.80 16.30 10.90
CA GLU A 169 -30.07 16.59 9.48
C GLU A 169 -28.82 17.05 8.73
N GLY A 170 -27.84 17.56 9.48
CA GLY A 170 -26.59 18.06 8.89
C GLY A 170 -25.80 17.02 8.10
N MET A 171 -26.13 15.75 8.31
CA MET A 171 -25.30 14.64 7.82
C MET A 171 -26.14 13.42 7.45
N GLY A 172 -25.55 12.53 6.64
CA GLY A 172 -26.23 11.31 6.17
C GLY A 172 -25.39 10.10 6.49
N LEU A 173 -25.98 8.91 6.42
CA LEU A 173 -25.35 7.72 7.01
C LEU A 173 -25.46 6.46 6.13
N ILE A 174 -24.60 5.48 6.39
CA ILE A 174 -24.75 4.13 5.86
C ILE A 174 -24.82 3.08 6.96
N VAL A 175 -25.22 1.88 6.55
CA VAL A 175 -25.40 0.74 7.44
C VAL A 175 -24.58 -0.49 7.02
N ARG A 176 -23.72 -0.96 7.92
CA ARG A 176 -22.73 -1.93 7.48
C ARG A 176 -23.33 -3.28 7.13
N THR A 177 -22.64 -3.94 6.22
CA THR A 177 -22.82 -5.34 5.88
C THR A 177 -23.18 -6.24 7.04
N ALA A 178 -23.02 -5.73 8.24
CA ALA A 178 -22.85 -6.62 9.37
C ALA A 178 -23.91 -6.29 10.39
N GLY A 179 -24.55 -5.15 10.19
CA GLY A 179 -25.82 -4.86 10.86
C GLY A 179 -26.96 -5.67 10.31
N VAL A 180 -26.67 -6.54 9.34
CA VAL A 180 -27.70 -7.32 8.67
C VAL A 180 -28.34 -8.31 9.63
N GLY A 181 -27.51 -8.96 10.45
CA GLY A 181 -28.06 -9.72 11.55
C GLY A 181 -29.16 -8.93 12.25
N LYS A 182 -28.78 -7.71 12.66
CA LYS A 182 -29.16 -7.18 13.97
C LYS A 182 -30.39 -6.25 13.88
N SER A 183 -30.66 -5.57 14.99
CA SER A 183 -32.01 -5.12 15.34
C SER A 183 -32.04 -3.59 15.49
N ALA A 184 -33.14 -2.98 15.04
CA ALA A 184 -33.19 -1.54 14.95
C ALA A 184 -32.86 -0.92 16.29
N GLU A 185 -33.51 -1.41 17.35
CA GLU A 185 -33.18 -0.96 18.69
C GLU A 185 -31.75 -0.40 18.71
N ALA A 186 -30.81 -1.20 18.19
CA ALA A 186 -29.41 -1.03 18.56
C ALA A 186 -28.62 -0.20 17.53
N LEU A 187 -29.19 -0.02 16.35
CA LEU A 187 -28.68 1.00 15.44
C LEU A 187 -28.85 2.39 16.04
N GLN A 188 -30.02 2.65 16.62
CA GLN A 188 -30.12 3.68 17.67
C GLN A 188 -28.89 3.64 18.59
N TRP A 189 -28.56 2.43 19.07
CA TRP A 189 -27.56 2.25 20.12
C TRP A 189 -26.15 2.33 19.55
N ASP A 190 -26.04 2.22 18.23
CA ASP A 190 -24.85 2.67 17.51
C ASP A 190 -24.91 4.18 17.27
N LEU A 191 -25.88 4.59 16.45
CA LEU A 191 -25.95 5.97 15.95
C LEU A 191 -26.01 6.92 17.12
N SER A 192 -26.41 6.39 18.27
CA SER A 192 -26.10 7.03 19.54
C SER A 192 -24.60 7.29 19.71
N PHE A 193 -23.84 6.24 19.99
CA PHE A 193 -22.54 6.42 20.62
C PHE A 193 -21.61 7.13 19.65
N ARG A 194 -22.03 7.13 18.38
CA ARG A 194 -21.30 7.84 17.35
C ARG A 194 -21.33 9.35 17.59
N LEU A 195 -22.32 10.03 17.02
CA LEU A 195 -22.72 11.35 17.50
C LEU A 195 -22.04 11.73 18.81
N LYS A 196 -22.42 11.04 19.88
CA LYS A 196 -21.90 11.35 21.22
C LYS A 196 -20.38 11.53 21.22
N HIS A 197 -19.68 10.69 20.47
CA HIS A 197 -18.37 11.07 19.95
C HIS A 197 -18.46 12.35 19.12
N TRP A 198 -19.02 12.24 17.91
CA TRP A 198 -18.98 13.32 16.94
C TRP A 198 -19.10 14.68 17.63
N GLU A 199 -19.84 14.73 18.73
CA GLU A 199 -19.99 15.97 19.51
C GLU A 199 -18.64 16.40 20.09
N ALA A 200 -18.18 15.66 21.10
CA ALA A 200 -16.81 15.82 21.59
C ALA A 200 -15.84 16.08 20.45
N ILE A 201 -15.93 15.26 19.41
CA ILE A 201 -15.07 15.39 18.23
C ILE A 201 -15.24 16.76 17.61
N LYS A 202 -16.30 17.45 17.98
CA LYS A 202 -16.60 18.80 17.50
C LYS A 202 -16.05 19.85 18.47
N LYS A 203 -16.56 19.82 19.70
CA LYS A 203 -16.20 20.82 20.70
C LYS A 203 -14.75 20.65 21.16
N ALA A 204 -14.21 19.45 20.98
CA ALA A 204 -12.81 19.21 21.29
C ALA A 204 -11.93 19.90 20.24
N ALA A 205 -12.58 20.56 19.28
CA ALA A 205 -11.92 21.54 18.43
C ALA A 205 -12.25 22.97 18.83
N GLU A 206 -13.53 23.22 19.14
CA GLU A 206 -13.97 24.53 19.63
C GLU A 206 -12.99 25.04 20.69
N SER A 207 -12.17 24.13 21.21
CA SER A 207 -11.13 24.46 22.18
C SER A 207 -10.12 25.46 21.63
N ARG A 208 -9.05 24.96 21.01
CA ARG A 208 -7.82 25.71 20.88
C ARG A 208 -7.45 26.02 19.42
N PRO A 209 -6.45 26.88 19.21
CA PRO A 209 -5.58 26.79 18.05
C PRO A 209 -5.49 25.37 17.55
N ALA A 210 -5.77 25.17 16.27
CA ALA A 210 -6.14 23.85 15.77
C ALA A 210 -4.94 22.95 15.43
N PRO A 211 -3.76 23.57 15.24
CA PRO A 211 -2.59 22.94 14.63
C PRO A 211 -2.19 21.55 15.17
N PHE A 212 -3.12 20.61 15.26
CA PHE A 212 -2.96 19.50 16.22
C PHE A 212 -4.00 18.39 16.08
N LEU A 213 -3.60 17.18 16.46
CA LEU A 213 -4.49 15.99 16.44
C LEU A 213 -5.81 16.18 17.18
N ILE A 214 -6.71 15.21 17.07
CA ILE A 214 -8.02 15.27 17.73
C ILE A 214 -8.58 13.89 18.08
N HIS A 215 -8.42 12.93 17.16
CA HIS A 215 -8.85 11.56 17.38
C HIS A 215 -7.99 10.57 16.63
N GLN A 216 -7.66 9.46 17.30
CA GLN A 216 -6.67 8.51 16.79
C GLN A 216 -7.29 7.15 16.45
N GLU A 217 -7.32 6.80 15.19
CA GLU A 217 -7.97 5.57 14.77
C GLU A 217 -7.42 4.36 15.53
N SER A 218 -8.29 3.47 16.00
CA SER A 218 -7.91 2.50 17.02
C SER A 218 -7.20 1.30 16.43
N ASN A 219 -6.44 0.58 17.26
CA ASN A 219 -5.38 -0.33 16.79
C ASN A 219 -5.84 -1.39 15.79
N VAL A 220 -4.99 -2.36 15.53
CA VAL A 220 -5.35 -3.41 14.59
C VAL A 220 -6.47 -4.34 15.03
N ILE A 221 -6.36 -4.92 16.20
CA ILE A 221 -7.40 -5.79 16.70
C ILE A 221 -8.79 -5.15 16.70
N VAL A 222 -8.96 -4.00 17.34
CA VAL A 222 -10.29 -3.40 17.36
C VAL A 222 -10.82 -3.30 15.95
N ARG A 223 -10.24 -2.40 15.17
CA ARG A 223 -10.32 -2.47 13.72
C ARG A 223 -10.76 -3.84 13.17
N ALA A 224 -10.05 -4.90 13.52
CA ALA A 224 -10.42 -6.23 13.05
C ALA A 224 -11.75 -6.68 13.58
N PHE A 225 -11.95 -6.64 14.90
CA PHE A 225 -13.24 -6.96 15.51
C PHE A 225 -14.29 -6.07 14.92
N ARG A 226 -13.89 -4.90 14.43
CA ARG A 226 -14.84 -3.99 13.81
C ARG A 226 -15.10 -4.29 12.33
N ASP A 227 -14.09 -4.02 11.52
CA ASP A 227 -14.22 -4.13 10.06
C ASP A 227 -14.17 -5.49 9.39
N TYR A 228 -13.70 -6.50 10.08
CA TYR A 228 -13.63 -7.81 9.47
C TYR A 228 -14.20 -8.94 10.31
N LEU A 229 -15.47 -8.82 10.72
CA LEU A 229 -16.00 -9.90 11.51
C LEU A 229 -17.41 -10.17 11.06
N ARG A 230 -17.70 -11.42 10.71
CA ARG A 230 -19.02 -11.73 10.20
C ARG A 230 -19.65 -12.93 10.87
N GLN A 231 -20.78 -13.34 10.31
CA GLN A 231 -21.49 -14.45 10.89
C GLN A 231 -20.72 -15.76 10.72
N ASP A 232 -20.01 -15.87 9.60
CA ASP A 232 -19.24 -17.08 9.29
C ASP A 232 -18.05 -17.31 10.20
N ILE A 233 -17.60 -16.26 10.89
CA ILE A 233 -16.46 -16.38 11.80
C ILE A 233 -16.75 -17.33 12.95
N GLY A 234 -16.19 -18.53 12.88
CA GLY A 234 -16.38 -19.53 13.90
C GLY A 234 -15.81 -19.13 15.25
N GLU A 235 -14.50 -19.32 15.41
CA GLU A 235 -13.85 -19.00 16.64
C GLU A 235 -13.05 -17.72 16.39
N ILE A 236 -12.48 -17.16 17.45
CA ILE A 236 -11.40 -16.20 17.35
C ILE A 236 -10.37 -16.72 18.31
N LEU A 237 -9.48 -17.61 17.90
CA LEU A 237 -8.37 -18.04 18.74
C LEU A 237 -7.40 -16.90 18.87
N ILE A 238 -7.17 -16.41 20.08
CA ILE A 238 -6.08 -15.50 20.33
C ILE A 238 -5.00 -16.28 21.07
N ASP A 239 -3.73 -16.03 20.81
CA ASP A 239 -2.74 -16.94 21.36
C ASP A 239 -1.99 -16.40 22.56
N ASN A 240 -2.52 -15.34 23.18
CA ASN A 240 -1.79 -14.70 24.27
C ASN A 240 -2.65 -14.03 25.33
N PRO A 241 -2.68 -14.64 26.53
CA PRO A 241 -3.73 -14.45 27.49
C PRO A 241 -4.04 -13.00 27.75
N LYS A 242 -3.01 -12.17 27.79
CA LYS A 242 -3.20 -10.78 28.20
C LYS A 242 -3.91 -10.00 27.10
N VAL A 243 -3.57 -10.28 25.86
CA VAL A 243 -4.34 -9.69 24.80
C VAL A 243 -5.79 -10.14 24.91
N LEU A 244 -6.04 -11.41 24.59
CA LEU A 244 -7.33 -12.03 24.91
C LEU A 244 -8.03 -11.28 26.02
N GLU A 245 -7.25 -10.69 26.91
CA GLU A 245 -7.84 -9.80 27.87
C GLU A 245 -8.54 -8.64 27.17
N LEU A 246 -7.78 -7.61 26.80
CA LEU A 246 -8.31 -6.52 26.01
C LEU A 246 -9.17 -7.06 24.89
N ALA A 247 -8.69 -8.11 24.25
CA ALA A 247 -9.51 -8.88 23.33
C ALA A 247 -10.96 -8.71 23.70
N ARG A 248 -11.31 -9.20 24.89
CA ARG A 248 -12.69 -9.44 25.30
C ARG A 248 -13.35 -8.12 25.59
N GLN A 249 -12.61 -7.25 26.25
CA GLN A 249 -13.13 -5.95 26.61
C GLN A 249 -13.50 -5.19 25.33
N HIS A 250 -12.76 -5.43 24.25
CA HIS A 250 -12.94 -4.68 23.01
C HIS A 250 -14.21 -5.04 22.28
N ILE A 251 -14.68 -6.28 22.45
CA ILE A 251 -15.99 -6.57 21.93
C ILE A 251 -16.98 -5.82 22.79
N ALA A 252 -16.96 -6.07 24.10
CA ALA A 252 -17.84 -5.32 25.00
C ALA A 252 -18.22 -4.02 24.34
N ALA A 253 -17.26 -3.09 24.30
CA ALA A 253 -17.48 -1.78 23.70
C ALA A 253 -18.00 -1.89 22.29
N LEU A 254 -17.10 -2.15 21.34
CA LEU A 254 -17.50 -2.19 19.93
C LEU A 254 -18.93 -2.77 19.85
N GLY A 255 -19.16 -3.82 20.62
CA GLY A 255 -20.51 -4.19 21.06
C GLY A 255 -21.10 -5.17 20.07
N ARG A 256 -20.42 -6.30 19.87
CA ARG A 256 -21.00 -7.40 19.12
C ARG A 256 -21.04 -8.70 19.95
N PRO A 257 -21.76 -8.69 21.07
CA PRO A 257 -21.24 -9.33 22.28
C PRO A 257 -21.53 -10.81 22.21
N ASP A 258 -22.46 -11.15 21.34
CA ASP A 258 -22.58 -12.48 20.80
C ASP A 258 -21.29 -12.89 20.12
N PHE A 259 -20.17 -12.77 20.82
CA PHE A 259 -18.87 -13.16 20.27
C PHE A 259 -17.94 -13.41 21.43
N SER A 260 -18.35 -12.95 22.60
CA SER A 260 -17.64 -13.34 23.79
C SER A 260 -17.62 -14.87 23.86
N SER A 261 -18.77 -15.48 23.56
CA SER A 261 -18.80 -16.90 23.22
C SER A 261 -17.60 -17.27 22.36
N LYS A 262 -17.34 -16.43 21.36
CA LYS A 262 -16.74 -16.87 20.11
C LYS A 262 -15.20 -16.87 20.21
N ILE A 263 -14.67 -16.39 21.34
CA ILE A 263 -13.30 -15.91 21.38
C ILE A 263 -12.50 -16.76 22.34
N LYS A 264 -11.57 -17.55 21.84
CA LYS A 264 -10.97 -18.61 22.64
C LYS A 264 -9.44 -18.46 22.79
N LEU A 265 -8.87 -18.99 23.86
CA LEU A 265 -7.42 -18.90 24.05
C LEU A 265 -6.64 -20.12 23.53
N TYR A 266 -5.67 -19.86 22.65
CA TYR A 266 -4.85 -20.94 22.11
C TYR A 266 -3.70 -21.25 23.07
N THR A 267 -3.48 -22.53 23.33
CA THR A 267 -2.42 -22.95 24.23
C THR A 267 -1.35 -23.78 23.52
N GLY A 268 -1.80 -24.71 22.68
CA GLY A 268 -0.88 -25.57 21.94
C GLY A 268 0.54 -25.05 21.93
N GLU A 269 1.49 -25.93 22.23
CA GLU A 269 2.90 -25.56 22.25
C GLU A 269 3.36 -25.09 20.86
N ILE A 270 2.88 -25.78 19.83
CA ILE A 270 3.25 -25.45 18.47
C ILE A 270 2.60 -24.13 18.08
N PRO A 271 3.38 -23.26 17.47
CA PRO A 271 2.97 -21.89 17.33
C PRO A 271 1.65 -21.84 16.57
N LEU A 272 0.78 -20.91 16.98
CA LEU A 272 -0.57 -20.85 16.42
C LEU A 272 -0.58 -20.96 14.90
N PHE A 273 -0.29 -19.85 14.23
CA PHE A 273 -0.26 -19.87 12.78
C PHE A 273 0.45 -21.10 12.30
N SER A 274 1.51 -21.50 13.01
CA SER A 274 2.30 -22.57 12.46
C SER A 274 1.55 -23.86 12.66
N HIS A 275 0.51 -23.78 13.47
CA HIS A 275 -0.33 -24.94 13.68
C HIS A 275 -1.41 -25.06 12.66
N TYR A 276 -2.17 -23.98 12.52
CA TYR A 276 -3.11 -23.84 11.43
C TYR A 276 -2.49 -23.97 10.03
N GLN A 277 -1.19 -24.26 9.99
CA GLN A 277 -0.57 -24.64 8.74
C GLN A 277 -0.78 -23.51 7.73
N ILE A 278 -0.62 -22.26 8.17
CA ILE A 278 -0.75 -21.16 7.23
C ILE A 278 0.48 -20.31 7.14
N GLU A 279 1.59 -20.78 7.70
CA GLU A 279 2.84 -20.03 7.68
C GLU A 279 3.28 -19.73 6.25
N SER A 280 3.73 -20.76 5.55
CA SER A 280 4.16 -20.60 4.17
C SER A 280 3.28 -19.58 3.48
N GLN A 281 1.97 -19.76 3.60
CA GLN A 281 1.01 -18.85 2.98
C GLN A 281 1.37 -17.40 3.31
N ILE A 282 1.68 -17.14 4.58
CA ILE A 282 2.06 -15.80 5.00
C ILE A 282 3.09 -15.29 4.00
N GLU A 283 4.25 -15.95 3.98
CA GLU A 283 5.31 -15.58 3.05
C GLU A 283 4.79 -15.50 1.65
N SER A 284 4.46 -16.62 1.02
CA SER A 284 3.79 -16.51 -0.26
C SER A 284 3.74 -15.07 -0.75
N ALA A 285 3.33 -14.19 0.17
CA ALA A 285 2.84 -12.88 -0.17
C ALA A 285 3.99 -11.94 -0.38
N PHE A 286 5.10 -12.24 0.28
CA PHE A 286 6.33 -11.49 0.06
C PHE A 286 7.18 -11.95 -1.11
N GLN A 287 6.95 -13.16 -1.64
CA GLN A 287 7.69 -13.58 -2.83
C GLN A 287 7.16 -13.02 -4.20
N ARG A 288 8.03 -12.86 -5.17
CA ARG A 288 7.65 -12.29 -6.43
C ARG A 288 6.97 -13.31 -7.35
N GLU A 289 7.35 -14.57 -7.23
CA GLU A 289 6.66 -15.62 -7.96
C GLU A 289 5.78 -16.33 -6.96
N VAL A 290 4.71 -16.95 -7.38
CA VAL A 290 3.85 -17.62 -6.42
C VAL A 290 3.20 -18.78 -7.10
N ARG A 291 3.41 -20.01 -6.62
CA ARG A 291 2.96 -21.16 -7.40
C ARG A 291 1.44 -21.36 -7.45
N LEU A 292 0.95 -21.64 -8.65
CA LEU A 292 -0.46 -21.90 -8.87
C LEU A 292 -0.69 -23.40 -8.69
N PRO A 293 -1.79 -23.76 -8.02
CA PRO A 293 -2.10 -25.18 -7.78
C PRO A 293 -1.54 -26.11 -8.85
N SER A 294 -2.15 -26.10 -10.04
CA SER A 294 -1.71 -26.95 -11.13
C SER A 294 -0.19 -27.15 -11.17
N GLY A 295 0.54 -26.05 -10.97
CA GLY A 295 1.99 -26.10 -10.98
C GLY A 295 2.54 -24.92 -11.74
N GLY A 296 1.62 -24.04 -12.14
CA GLY A 296 1.95 -22.83 -12.87
C GLY A 296 2.60 -21.86 -11.95
N SER A 297 2.59 -20.59 -12.31
CA SER A 297 3.21 -19.57 -11.48
C SER A 297 2.65 -18.17 -11.74
N ILE A 298 2.72 -17.31 -10.72
CA ILE A 298 2.21 -15.95 -10.84
C ILE A 298 3.23 -14.92 -10.39
N VAL A 299 4.04 -14.44 -11.33
CA VAL A 299 5.06 -13.44 -11.03
C VAL A 299 4.43 -12.05 -10.92
N ILE A 300 4.45 -11.49 -9.72
CA ILE A 300 3.88 -10.17 -9.49
C ILE A 300 4.91 -9.06 -9.43
N ASP A 301 5.17 -8.43 -10.58
CA ASP A 301 6.13 -7.35 -10.66
C ASP A 301 5.40 -6.03 -10.46
N SER A 302 6.04 -5.09 -9.76
CA SER A 302 5.44 -3.79 -9.50
C SER A 302 6.24 -2.65 -10.12
N THR A 303 5.61 -1.92 -11.03
CA THR A 303 6.26 -0.80 -11.69
C THR A 303 5.88 0.51 -11.03
N GLU A 304 6.24 1.63 -11.66
CA GLU A 304 5.93 2.95 -11.11
C GLU A 304 4.58 3.45 -11.61
N ALA A 305 4.07 2.81 -12.66
CA ALA A 305 2.77 3.19 -13.24
C ALA A 305 1.60 2.31 -12.81
N LEU A 306 1.87 1.04 -12.54
CA LEU A 306 0.82 0.07 -12.24
C LEU A 306 1.45 -1.23 -11.76
N THR A 307 0.86 -1.90 -10.76
CA THR A 307 1.35 -3.23 -10.42
C THR A 307 1.05 -4.14 -11.60
N ALA A 308 1.93 -5.08 -11.92
CA ALA A 308 1.66 -5.84 -13.12
C ALA A 308 1.91 -7.32 -13.07
N ILE A 309 0.87 -8.10 -12.88
CA ILE A 309 0.97 -9.54 -12.66
C ILE A 309 1.04 -10.29 -13.99
N ASP A 310 1.97 -11.22 -14.10
CA ASP A 310 2.03 -12.07 -15.27
C ASP A 310 1.85 -13.51 -14.91
N ILE A 311 1.29 -14.29 -15.82
CA ILE A 311 0.89 -15.64 -15.49
C ILE A 311 1.57 -16.61 -16.41
N ASN A 312 1.81 -17.84 -15.98
CA ASN A 312 2.34 -18.83 -16.92
C ASN A 312 2.43 -20.26 -16.42
N SER A 313 2.63 -21.20 -17.35
CA SER A 313 2.10 -22.53 -17.17
C SER A 313 3.17 -23.61 -16.97
N ALA A 314 2.69 -24.84 -16.73
CA ALA A 314 3.48 -25.85 -16.02
C ALA A 314 4.61 -26.43 -16.89
N ARG A 315 4.38 -27.63 -17.45
CA ARG A 315 5.46 -28.56 -17.89
C ARG A 315 5.17 -29.18 -19.28
N GLY A 320 -3.73 -35.35 -23.57
CA GLY A 320 -3.58 -34.13 -22.76
C GLY A 320 -3.25 -32.85 -23.52
N ASP A 321 -3.96 -31.77 -23.16
CA ASP A 321 -4.42 -30.80 -24.14
C ASP A 321 -3.74 -29.45 -23.98
N ILE A 322 -3.64 -28.70 -25.06
CA ILE A 322 -3.27 -27.29 -24.93
C ILE A 322 -4.41 -26.43 -24.43
N GLU A 323 -5.50 -26.40 -25.19
CA GLU A 323 -6.55 -25.43 -24.94
C GLU A 323 -6.80 -25.39 -23.45
N GLU A 324 -7.04 -26.55 -22.85
CA GLU A 324 -7.30 -26.64 -21.42
C GLU A 324 -6.13 -26.12 -20.60
N THR A 325 -5.00 -26.82 -20.67
CA THR A 325 -3.80 -26.42 -19.94
C THR A 325 -3.81 -24.93 -19.65
N ALA A 326 -3.99 -24.12 -20.69
CA ALA A 326 -4.02 -22.67 -20.55
C ALA A 326 -5.27 -22.21 -19.82
N PHE A 327 -6.43 -22.49 -20.40
CA PHE A 327 -7.70 -22.11 -19.80
C PHE A 327 -7.72 -22.43 -18.30
N ASN A 328 -7.46 -23.69 -17.98
CA ASN A 328 -7.45 -24.12 -16.59
C ASN A 328 -6.48 -23.35 -15.71
N THR A 329 -5.24 -23.22 -16.18
CA THR A 329 -4.22 -22.50 -15.42
C THR A 329 -4.55 -21.01 -15.24
N ASN A 330 -5.22 -20.42 -16.24
CA ASN A 330 -5.75 -19.10 -16.07
C ASN A 330 -6.72 -19.04 -14.93
N LEU A 331 -7.57 -20.05 -14.74
CA LEU A 331 -8.56 -19.98 -13.65
C LEU A 331 -7.85 -19.95 -12.32
N GLU A 332 -6.80 -20.76 -12.18
CA GLU A 332 -6.07 -20.80 -10.91
C GLU A 332 -5.44 -19.45 -10.68
N ALA A 333 -4.64 -18.99 -11.62
CA ALA A 333 -4.17 -17.63 -11.59
C ALA A 333 -5.26 -16.66 -11.13
N ALA A 334 -6.47 -16.81 -11.64
CA ALA A 334 -7.54 -15.90 -11.23
C ALA A 334 -7.65 -15.96 -9.74
N ASP A 335 -8.07 -17.11 -9.22
CA ASP A 335 -8.19 -17.33 -7.79
C ASP A 335 -7.05 -16.70 -7.05
N GLU A 336 -5.84 -17.19 -7.30
CA GLU A 336 -4.67 -16.70 -6.58
C GLU A 336 -4.40 -15.20 -6.67
N ILE A 337 -4.45 -14.66 -7.87
CA ILE A 337 -4.28 -13.23 -7.98
C ILE A 337 -5.18 -12.50 -6.99
N ALA A 338 -6.42 -12.90 -6.90
CA ALA A 338 -7.31 -12.20 -6.01
C ALA A 338 -6.65 -12.20 -4.63
N ARG A 339 -6.22 -13.35 -4.19
CA ARG A 339 -5.88 -13.50 -2.78
C ARG A 339 -4.68 -12.65 -2.55
N GLN A 340 -3.72 -12.70 -3.47
CA GLN A 340 -2.54 -11.86 -3.34
C GLN A 340 -2.89 -10.41 -3.39
N LEU A 341 -3.66 -10.00 -4.38
CA LEU A 341 -4.23 -8.65 -4.29
C LEU A 341 -4.57 -8.25 -2.83
N ARG A 342 -5.18 -9.15 -2.07
CA ARG A 342 -5.65 -8.85 -0.70
C ARG A 342 -4.48 -8.86 0.27
N LEU A 343 -3.66 -9.90 0.19
CA LEU A 343 -2.57 -10.09 1.12
C LEU A 343 -1.58 -8.96 1.00
N ARG A 344 -1.29 -8.57 -0.23
CA ARG A 344 -0.37 -7.51 -0.45
C ARG A 344 -0.98 -6.13 -0.28
N ASP A 345 -2.26 -6.04 -0.04
CA ASP A 345 -2.78 -4.70 0.08
C ASP A 345 -2.30 -3.87 -1.11
N LEU A 346 -2.05 -4.54 -2.24
CA LEU A 346 -1.87 -3.92 -3.57
C LEU A 346 -3.00 -3.00 -3.95
N GLY A 347 -2.72 -1.72 -4.16
CA GLY A 347 -3.78 -0.82 -4.72
C GLY A 347 -3.49 -0.24 -6.10
N GLY A 348 -4.41 0.54 -6.65
CA GLY A 348 -4.07 1.28 -7.85
C GLY A 348 -4.54 0.51 -9.08
N LEU A 349 -3.89 0.69 -10.23
CA LEU A 349 -4.13 -0.24 -11.34
C LEU A 349 -3.33 -1.50 -11.18
N ILE A 350 -3.77 -2.49 -11.94
CA ILE A 350 -3.09 -3.76 -12.01
C ILE A 350 -3.33 -4.25 -13.42
N VAL A 351 -2.29 -4.71 -14.10
CA VAL A 351 -2.53 -5.31 -15.38
C VAL A 351 -2.19 -6.75 -15.30
N ILE A 352 -3.12 -7.60 -15.68
CA ILE A 352 -2.89 -9.03 -15.60
C ILE A 352 -2.63 -9.57 -17.01
N ASP A 353 -1.49 -10.23 -17.21
CA ASP A 353 -1.26 -10.86 -18.51
C ASP A 353 -1.68 -12.33 -18.52
N PHE A 354 -2.97 -12.63 -18.64
CA PHE A 354 -3.39 -14.03 -18.64
C PHE A 354 -2.73 -14.79 -19.80
N ILE A 355 -2.53 -16.09 -19.64
CA ILE A 355 -1.95 -16.88 -20.72
C ILE A 355 -2.68 -16.44 -21.98
N ASP A 356 -2.64 -17.27 -23.03
CA ASP A 356 -3.32 -16.90 -24.27
C ASP A 356 -4.20 -18.00 -24.86
N MET A 357 -5.48 -17.96 -24.51
CA MET A 357 -6.45 -18.94 -25.01
C MET A 357 -7.13 -18.34 -26.23
N THR A 358 -7.57 -19.20 -27.15
CA THR A 358 -8.24 -18.71 -28.37
C THR A 358 -9.76 -18.46 -28.26
N PRO A 359 -10.51 -19.44 -27.74
CA PRO A 359 -11.95 -19.35 -27.71
C PRO A 359 -12.43 -18.28 -26.75
N VAL A 360 -13.22 -17.32 -27.22
CA VAL A 360 -13.76 -16.26 -26.37
C VAL A 360 -14.46 -16.69 -25.11
N ARG A 361 -15.27 -17.75 -25.19
CA ARG A 361 -15.94 -18.24 -23.98
C ARG A 361 -15.00 -18.35 -22.81
N HIS A 362 -13.77 -18.74 -23.11
CA HIS A 362 -12.76 -18.89 -22.10
C HIS A 362 -12.42 -17.54 -21.56
N GLN A 363 -12.35 -16.55 -22.43
CA GLN A 363 -11.96 -15.26 -21.94
C GLN A 363 -13.04 -14.78 -21.00
N ARG A 364 -14.29 -14.83 -21.44
CA ARG A 364 -15.33 -14.35 -20.57
C ARG A 364 -15.38 -15.24 -19.36
N ALA A 365 -14.99 -16.50 -19.54
CA ALA A 365 -14.95 -17.44 -18.41
C ALA A 365 -14.07 -16.96 -17.29
N VAL A 366 -12.80 -16.73 -17.62
CA VAL A 366 -11.80 -16.36 -16.65
C VAL A 366 -12.17 -15.01 -16.11
N GLU A 367 -12.60 -14.11 -16.97
CA GLU A 367 -12.92 -12.77 -16.50
C GLU A 367 -13.84 -12.93 -15.32
N ASN A 368 -14.96 -13.62 -15.49
CA ASN A 368 -15.91 -13.78 -14.40
C ASN A 368 -15.21 -14.41 -13.24
N ARG A 369 -14.62 -15.56 -13.48
CA ARG A 369 -13.77 -16.21 -12.47
C ARG A 369 -13.06 -15.23 -11.58
N LEU A 370 -12.28 -14.32 -12.16
CA LEU A 370 -11.74 -13.18 -11.43
C LEU A 370 -12.82 -12.44 -10.70
N ARG A 371 -13.77 -11.83 -11.39
CA ARG A 371 -14.86 -11.13 -10.68
C ARG A 371 -15.36 -11.93 -9.50
N GLU A 372 -15.62 -13.19 -9.73
CA GLU A 372 -16.35 -13.89 -8.71
C GLU A 372 -15.41 -14.17 -7.60
N ALA A 373 -14.14 -14.02 -7.84
CA ALA A 373 -13.24 -14.42 -6.79
C ALA A 373 -12.88 -13.24 -5.95
N VAL A 374 -13.01 -12.04 -6.50
CA VAL A 374 -12.68 -10.88 -5.70
C VAL A 374 -13.94 -10.29 -5.10
N ARG A 375 -14.99 -11.12 -5.03
CA ARG A 375 -16.26 -10.69 -4.45
C ARG A 375 -16.05 -10.17 -3.03
N GLN A 376 -15.23 -10.88 -2.27
CA GLN A 376 -14.96 -10.50 -0.89
C GLN A 376 -14.25 -9.15 -0.76
N ASP A 377 -13.00 -9.10 -1.19
CA ASP A 377 -12.22 -7.88 -1.13
C ASP A 377 -13.03 -6.72 -0.55
N ARG A 378 -12.64 -6.27 0.65
CA ARG A 378 -13.32 -5.18 1.31
C ARG A 378 -13.17 -3.88 0.51
N ALA A 379 -12.11 -3.81 -0.28
CA ALA A 379 -11.84 -2.62 -1.10
C ALA A 379 -12.69 -2.62 -2.39
N ARG A 380 -12.96 -1.47 -2.99
CA ARG A 380 -13.65 -1.50 -4.29
C ARG A 380 -12.77 -2.06 -5.43
N ILE A 381 -13.35 -2.73 -6.42
CA ILE A 381 -12.55 -3.33 -7.47
C ILE A 381 -13.22 -3.17 -8.82
N GLN A 382 -12.51 -2.72 -9.84
CA GLN A 382 -13.14 -2.64 -11.15
C GLN A 382 -12.34 -3.37 -12.21
N ILE A 383 -13.05 -4.04 -13.13
CA ILE A 383 -12.46 -5.12 -13.89
C ILE A 383 -12.90 -5.10 -15.33
N SER A 384 -12.09 -4.56 -16.22
CA SER A 384 -12.50 -4.58 -17.62
C SER A 384 -12.35 -5.96 -18.27
N HIS A 385 -13.05 -6.16 -19.39
CA HIS A 385 -12.83 -7.26 -20.34
C HIS A 385 -11.39 -7.55 -20.69
N ILE A 386 -11.10 -8.67 -21.32
CA ILE A 386 -9.70 -8.90 -21.65
C ILE A 386 -9.42 -8.20 -22.95
N SER A 387 -8.25 -7.60 -23.11
CA SER A 387 -7.97 -6.72 -24.26
C SER A 387 -7.75 -7.53 -25.52
N ARG A 388 -7.56 -6.84 -26.63
CA ARG A 388 -7.08 -7.58 -27.80
C ARG A 388 -5.62 -7.96 -27.76
N PHE A 389 -4.83 -7.38 -26.87
CA PHE A 389 -3.49 -7.87 -26.66
C PHE A 389 -3.49 -8.86 -25.54
N GLY A 390 -4.67 -9.26 -25.11
CA GLY A 390 -4.76 -10.25 -24.04
C GLY A 390 -4.25 -9.81 -22.68
N LEU A 391 -4.32 -8.51 -22.42
CA LEU A 391 -4.13 -7.96 -21.10
C LEU A 391 -5.49 -7.68 -20.52
N LEU A 392 -5.66 -7.92 -19.22
CA LEU A 392 -6.89 -7.50 -18.55
C LEU A 392 -6.53 -6.46 -17.50
N GLU A 393 -7.01 -5.22 -17.66
CA GLU A 393 -6.65 -4.16 -16.68
C GLU A 393 -7.75 -4.14 -15.68
N MET A 394 -7.52 -3.43 -14.57
CA MET A 394 -8.21 -3.74 -13.34
C MET A 394 -7.76 -2.80 -12.26
N SER A 395 -8.64 -1.93 -11.77
CA SER A 395 -8.31 -1.03 -10.65
C SER A 395 -8.76 -1.54 -9.27
N ARG A 396 -8.13 -1.07 -8.21
CA ARG A 396 -8.61 -1.47 -6.88
C ARG A 396 -8.07 -0.63 -5.76
N GLN A 397 -8.92 -0.44 -4.75
CA GLN A 397 -8.98 0.78 -3.98
C GLN A 397 -7.96 0.71 -2.89
N ARG A 398 -7.44 1.86 -2.49
CA ARG A 398 -6.20 1.87 -1.77
C ARG A 398 -6.50 1.86 -0.29
N LEU A 399 -6.72 0.68 0.27
CA LEU A 399 -7.35 0.56 1.58
C LEU A 399 -6.40 0.86 2.70
N SER A 400 -5.10 0.70 2.43
CA SER A 400 -4.04 1.09 3.35
C SER A 400 -2.73 0.94 2.59
N PRO A 401 -1.61 1.20 3.25
CA PRO A 401 -0.39 1.06 2.49
C PRO A 401 -0.16 -0.40 2.16
N SER A 402 0.53 -0.64 1.05
CA SER A 402 0.74 -1.99 0.55
C SER A 402 1.94 -2.61 1.22
N LEU A 403 2.09 -3.92 1.07
CA LEU A 403 3.09 -4.64 1.83
C LEU A 403 4.43 -4.18 1.37
N GLY A 404 4.58 -4.00 0.08
CA GLY A 404 5.86 -3.57 -0.43
C GLY A 404 6.21 -2.23 0.15
N GLU A 405 5.20 -1.44 0.40
CA GLU A 405 5.39 0.00 0.40
C GLU A 405 5.73 0.30 1.83
N SER A 406 5.71 -0.75 2.64
CA SER A 406 5.74 -0.63 4.08
C SER A 406 6.57 -1.74 4.72
N SER A 407 7.30 -2.51 3.93
CA SER A 407 8.10 -3.60 4.45
C SER A 407 9.21 -3.93 3.47
N HIS A 408 9.48 -3.01 2.57
CA HIS A 408 10.64 -3.16 1.75
C HIS A 408 11.38 -1.90 1.59
N HIS A 409 12.31 -1.91 0.65
CA HIS A 409 12.88 -0.67 0.18
C HIS A 409 13.57 -1.00 -1.15
N VAL A 410 14.51 -0.17 -1.58
CA VAL A 410 14.89 -0.18 -2.97
C VAL A 410 16.31 -0.72 -3.26
N CYS A 411 16.36 -2.04 -3.55
CA CYS A 411 17.61 -2.70 -3.88
C CYS A 411 18.45 -1.50 -4.18
N PRO A 412 19.27 -1.12 -3.21
CA PRO A 412 20.06 0.10 -3.35
C PRO A 412 21.29 0.00 -4.25
N ARG A 413 21.73 -1.20 -4.62
CA ARG A 413 22.62 -1.32 -5.77
C ARG A 413 21.90 -0.79 -6.95
N CYS A 414 20.60 -0.93 -7.47
CA CYS A 414 19.81 -0.59 -8.65
C CYS A 414 19.17 0.61 -8.03
N SER A 415 18.21 1.03 -8.55
CA SER A 415 17.83 2.30 -7.99
C SER A 415 16.42 2.05 -7.88
N GLY A 416 16.03 1.04 -8.63
CA GLY A 416 14.60 0.76 -8.50
C GLY A 416 14.15 -0.35 -9.41
N THR A 417 15.10 -0.85 -10.22
CA THR A 417 14.83 -1.27 -11.61
C THR A 417 15.24 -2.70 -11.81
N GLY A 418 16.32 -3.10 -11.12
CA GLY A 418 16.63 -4.51 -10.98
C GLY A 418 17.40 -5.02 -12.18
N THR A 419 18.12 -4.14 -12.81
CA THR A 419 19.13 -4.60 -13.67
C THR A 419 20.30 -3.76 -13.36
N VAL A 420 21.43 -4.16 -13.90
CA VAL A 420 22.63 -3.46 -13.61
C VAL A 420 23.51 -3.53 -14.82
N ARG A 421 23.93 -2.37 -15.32
CA ARG A 421 24.52 -2.25 -16.65
C ARG A 421 25.77 -3.13 -16.77
N ASP A 422 25.81 -3.98 -17.78
CA ASP A 422 26.98 -4.83 -17.96
C ASP A 422 28.28 -4.01 -17.89
N ASN A 423 29.33 -4.60 -17.30
CA ASN A 423 30.57 -3.84 -16.96
C ASN A 423 31.28 -3.07 -18.07
N GLU A 424 31.28 -3.60 -19.28
CA GLU A 424 31.97 -2.96 -20.37
C GLU A 424 31.16 -1.77 -20.83
N SER A 425 29.89 -2.00 -21.15
CA SER A 425 29.05 -0.90 -21.67
C SER A 425 29.05 0.32 -20.72
N LEU A 426 29.13 0.04 -19.41
CA LEU A 426 29.40 1.10 -18.44
C LEU A 426 30.77 1.76 -18.71
N SER A 427 31.79 0.93 -18.92
CA SER A 427 33.15 1.45 -18.98
C SER A 427 33.36 2.27 -20.22
N LEU A 428 33.02 1.71 -21.36
CA LEU A 428 32.99 2.50 -22.56
C LEU A 428 32.35 3.82 -22.28
N SER A 429 31.26 3.79 -21.51
CA SER A 429 30.53 5.02 -21.21
C SER A 429 31.30 5.97 -20.31
N ILE A 430 31.61 5.49 -19.10
CA ILE A 430 32.46 6.27 -18.22
C ILE A 430 33.57 6.89 -19.05
N LEU A 431 34.06 6.14 -20.02
CA LEU A 431 35.25 6.53 -20.72
C LEU A 431 34.98 7.68 -21.68
N ARG A 432 33.84 7.66 -22.38
CA ARG A 432 33.60 8.74 -23.32
C ARG A 432 33.35 9.98 -22.52
N LEU A 433 32.76 9.78 -21.35
CA LEU A 433 32.55 10.91 -20.46
C LEU A 433 33.91 11.54 -20.18
N ILE A 434 34.87 10.73 -19.77
CA ILE A 434 36.17 11.27 -19.51
C ILE A 434 36.61 12.07 -20.71
N GLU A 435 36.56 11.48 -21.89
CA GLU A 435 37.21 12.16 -23.00
C GLU A 435 36.60 13.52 -23.20
N GLU A 436 35.28 13.57 -23.12
CA GLU A 436 34.54 14.78 -23.40
C GLU A 436 34.85 15.81 -22.33
N GLU A 437 34.86 15.38 -21.08
CA GLU A 437 35.31 16.24 -20.01
C GLU A 437 36.70 16.84 -20.25
N ALA A 438 37.51 16.16 -21.06
CA ALA A 438 38.93 16.43 -21.09
C ALA A 438 39.24 17.34 -22.23
N LEU A 439 38.22 17.58 -23.05
CA LEU A 439 38.21 18.70 -24.01
C LEU A 439 37.77 19.99 -23.36
N LYS A 440 36.79 19.90 -22.46
CA LYS A 440 36.21 21.09 -21.84
C LYS A 440 37.28 22.16 -21.52
N GLU A 441 37.48 23.07 -22.49
CA GLU A 441 38.49 24.12 -22.40
C GLU A 441 38.75 24.61 -20.98
N ASN A 442 40.01 24.52 -20.59
CA ASN A 442 40.44 25.01 -19.30
C ASN A 442 40.34 23.97 -18.17
N THR A 443 40.61 22.71 -18.52
CA THR A 443 40.71 21.62 -17.56
C THR A 443 42.17 21.22 -17.44
N GLN A 444 42.57 20.81 -16.25
CA GLN A 444 43.96 20.40 -16.01
C GLN A 444 44.06 18.91 -15.86
N GLU A 445 43.72 18.43 -14.67
CA GLU A 445 43.41 17.02 -14.46
C GLU A 445 41.92 16.71 -14.87
N VAL A 446 41.51 15.44 -14.80
CA VAL A 446 40.12 15.04 -14.65
C VAL A 446 40.18 13.64 -14.11
N HIS A 447 39.21 13.25 -13.27
CA HIS A 447 39.43 12.26 -12.22
C HIS A 447 38.26 11.35 -12.10
N ALA A 448 37.95 10.54 -13.10
CA ALA A 448 36.99 9.44 -12.88
C ALA A 448 37.25 8.64 -11.60
N ILE A 449 36.20 8.22 -10.93
CA ILE A 449 36.35 7.47 -9.72
C ILE A 449 35.34 6.35 -9.77
N VAL A 450 35.78 5.12 -9.97
CA VAL A 450 34.84 4.14 -10.45
C VAL A 450 35.02 2.80 -9.81
N PRO A 451 33.96 2.03 -9.76
CA PRO A 451 33.90 0.72 -9.20
C PRO A 451 35.14 -0.01 -9.61
N VAL A 452 35.61 -0.97 -8.81
CA VAL A 452 36.96 -1.47 -9.03
C VAL A 452 37.16 -1.96 -10.46
N PRO A 453 36.25 -2.82 -10.93
CA PRO A 453 36.36 -3.55 -12.18
C PRO A 453 36.23 -2.59 -13.31
N ILE A 454 35.29 -1.66 -13.19
CA ILE A 454 35.37 -0.49 -14.05
C ILE A 454 36.80 0.06 -14.15
N ALA A 455 37.50 0.28 -13.05
CA ALA A 455 38.82 0.88 -13.15
C ALA A 455 39.79 -0.11 -13.73
N SER A 456 39.53 -1.37 -13.51
CA SER A 456 40.40 -2.34 -14.09
C SER A 456 40.23 -2.30 -15.60
N TYR A 457 38.98 -2.31 -16.02
CA TYR A 457 38.72 -2.54 -17.41
C TYR A 457 39.15 -1.31 -18.18
N LEU A 458 39.10 -0.13 -17.58
CA LEU A 458 39.46 1.03 -18.36
C LEU A 458 40.96 1.05 -18.55
N LEU A 459 41.67 0.42 -17.63
CA LEU A 459 43.11 0.65 -17.49
C LEU A 459 43.91 -0.47 -18.13
N ASN A 460 43.27 -1.63 -18.31
CA ASN A 460 43.78 -2.61 -19.24
C ASN A 460 43.01 -2.69 -20.57
N GLU A 461 42.16 -3.70 -20.74
CA GLU A 461 41.28 -3.72 -21.92
C GLU A 461 41.44 -2.41 -22.68
N LYS A 462 41.18 -1.29 -22.02
CA LYS A 462 41.09 -0.01 -22.73
C LYS A 462 42.26 0.98 -22.62
N ARG A 463 43.45 0.55 -22.18
CA ARG A 463 44.40 1.55 -21.68
C ARG A 463 44.75 2.56 -22.77
N SER A 464 45.55 2.10 -23.72
CA SER A 464 45.59 2.61 -25.10
C SER A 464 44.63 3.76 -25.40
N ALA A 465 43.34 3.57 -25.18
CA ALA A 465 42.44 4.67 -25.47
C ALA A 465 42.64 5.84 -24.53
N VAL A 466 42.40 5.62 -23.24
CA VAL A 466 42.83 6.55 -22.22
C VAL A 466 44.12 7.28 -22.55
N ASN A 467 44.99 6.66 -23.33
CA ASN A 467 46.33 7.21 -23.47
C ASN A 467 46.26 8.26 -24.53
N ALA A 468 46.32 7.81 -25.77
CA ALA A 468 45.32 8.22 -26.73
C ALA A 468 44.75 9.60 -26.39
N ILE A 469 44.05 9.72 -25.25
CA ILE A 469 43.49 11.00 -24.87
C ILE A 469 44.59 11.97 -24.48
N GLU A 470 45.18 11.75 -23.32
CA GLU A 470 46.11 12.71 -22.79
C GLU A 470 47.10 13.15 -23.87
N THR A 471 47.35 12.26 -24.84
CA THR A 471 48.29 12.59 -25.90
C THR A 471 47.75 13.82 -26.61
N ARG A 472 46.46 13.80 -26.87
CA ARG A 472 45.83 14.75 -27.75
C ARG A 472 45.46 15.98 -26.95
N GLN A 473 44.50 15.80 -26.05
CA GLN A 473 44.38 16.68 -24.90
C GLN A 473 45.75 16.86 -24.26
N ASP A 474 46.67 17.38 -25.07
CA ASP A 474 47.95 17.84 -24.54
C ASP A 474 47.81 18.16 -23.04
N GLY A 475 48.52 17.39 -22.23
CA GLY A 475 48.82 17.84 -20.89
C GLY A 475 47.60 17.77 -19.99
N VAL A 476 46.55 17.15 -20.46
CA VAL A 476 45.47 16.85 -19.56
C VAL A 476 45.71 15.50 -18.91
N ARG A 477 45.93 15.49 -17.60
CA ARG A 477 46.02 14.23 -16.89
C ARG A 477 44.60 13.67 -16.70
N CYS A 478 44.33 12.48 -17.22
CA CYS A 478 43.13 11.79 -16.81
C CYS A 478 43.56 10.77 -15.81
N VAL A 479 43.40 11.08 -14.53
CA VAL A 479 43.44 10.08 -13.46
C VAL A 479 42.24 9.14 -13.40
N ILE A 480 42.46 7.87 -13.10
CA ILE A 480 41.35 6.98 -13.03
C ILE A 480 41.49 6.02 -11.86
N VAL A 481 41.00 6.43 -10.70
CA VAL A 481 41.23 5.67 -9.50
C VAL A 481 40.17 4.63 -9.17
N PRO A 482 40.59 3.37 -9.02
CA PRO A 482 39.70 2.27 -8.79
C PRO A 482 39.41 2.31 -7.35
N ASN A 483 38.22 1.91 -6.95
CA ASN A 483 37.79 2.04 -5.57
C ASN A 483 36.84 0.88 -5.18
N ASP A 484 36.78 0.56 -3.90
CA ASP A 484 36.18 -0.71 -3.51
C ASP A 484 35.00 -0.42 -2.66
N GLN A 485 34.75 0.87 -2.45
CA GLN A 485 33.51 1.28 -1.82
C GLN A 485 32.35 1.21 -2.79
N MET A 486 32.47 1.92 -3.93
CA MET A 486 31.56 1.82 -5.10
C MET A 486 31.18 0.45 -5.65
N GLU A 487 29.89 0.22 -5.80
CA GLU A 487 29.39 -0.88 -6.60
C GLU A 487 29.06 -0.47 -8.04
N THR A 488 28.69 -1.48 -8.83
CA THR A 488 29.11 -1.57 -10.22
C THR A 488 28.49 -0.56 -11.15
N PRO A 489 27.34 0.03 -10.76
CA PRO A 489 26.68 1.11 -11.52
C PRO A 489 26.97 2.54 -11.10
N HIS A 490 27.49 2.79 -9.90
CA HIS A 490 27.77 4.18 -9.47
C HIS A 490 29.18 4.65 -9.85
N TYR A 491 29.47 5.95 -9.71
CA TYR A 491 30.83 6.41 -10.07
C TYR A 491 30.90 7.91 -10.29
N HIS A 492 32.07 8.50 -10.28
CA HIS A 492 32.12 9.93 -10.49
C HIS A 492 33.09 10.30 -11.56
N VAL A 493 32.92 11.45 -12.17
CA VAL A 493 33.90 11.89 -13.11
C VAL A 493 34.14 13.36 -12.87
N LEU A 494 34.85 13.72 -11.80
CA LEU A 494 35.09 15.16 -11.56
C LEU A 494 36.19 15.67 -12.45
N ARG A 495 36.27 16.99 -12.57
CA ARG A 495 37.15 17.63 -13.51
C ARG A 495 37.89 18.80 -12.85
N VAL A 496 39.17 18.99 -13.13
CA VAL A 496 39.92 19.88 -12.28
C VAL A 496 40.58 21.03 -12.98
N ARG A 497 40.05 22.22 -12.71
CA ARG A 497 40.30 23.42 -13.51
C ARG A 497 41.74 23.91 -13.32
N LYS A 498 42.33 24.40 -14.41
CA LYS A 498 43.71 24.89 -14.36
C LYS A 498 43.93 25.57 -13.00
N GLY A 499 45.17 25.55 -12.53
CA GLY A 499 45.49 26.10 -11.22
C GLY A 499 44.95 25.32 -10.02
N GLU A 500 43.72 24.84 -10.10
CA GLU A 500 43.07 24.27 -8.92
C GLU A 500 43.41 22.77 -8.67
N GLU A 501 44.68 22.40 -8.84
CA GLU A 501 45.09 21.00 -8.81
C GLU A 501 46.06 20.66 -7.70
N THR A 502 45.57 20.00 -6.65
CA THR A 502 46.43 19.29 -5.69
C THR A 502 47.43 18.41 -6.42
N PRO A 503 48.66 18.30 -5.90
CA PRO A 503 49.38 17.06 -6.07
C PRO A 503 49.08 16.14 -4.91
N THR A 504 48.39 15.05 -5.22
CA THR A 504 47.86 14.14 -4.22
C THR A 504 47.59 12.78 -4.86
N LEU A 505 47.89 11.71 -4.13
CA LEU A 505 48.01 10.37 -4.69
C LEU A 505 46.77 9.83 -5.39
N SER A 506 46.92 9.45 -6.65
CA SER A 506 45.92 8.60 -7.30
C SER A 506 44.94 7.91 -6.35
N TYR A 507 45.46 7.24 -5.32
CA TYR A 507 44.60 6.33 -4.56
C TYR A 507 44.12 7.02 -3.30
N MET A 508 44.68 8.19 -3.06
CA MET A 508 44.21 9.06 -2.01
C MET A 508 42.96 9.86 -2.41
N LEU A 509 42.36 9.59 -3.59
CA LEU A 509 41.60 10.64 -4.26
C LEU A 509 40.34 11.01 -3.56
N PRO A 510 39.38 10.09 -3.51
CA PRO A 510 38.38 10.16 -2.43
C PRO A 510 38.70 11.25 -1.31
#